data_6KPD
#
_entry.id   6KPD
#
_cell.length_a   103.384
_cell.length_b   103.384
_cell.length_c   68.690
_cell.angle_alpha   90.000
_cell.angle_beta   90.000
_cell.angle_gamma   120.000
#
_symmetry.space_group_name_H-M   'P 32 2 1'
#
loop_
_entity.id
_entity.type
_entity.pdbx_description
1 polymer 'Scarecrow-like protein 3'
2 polymer 'Peptide from Zinc finger protein BALDIBIS'
#
loop_
_entity_poly.entity_id
_entity_poly.type
_entity_poly.pdbx_seq_one_letter_code
_entity_poly.pdbx_strand_id
1 'polypeptide(L)'
;GPMVAMFQEDNGTSSVASSPLQVFSTMSLNRPTLLASSSPFHCLKDLKPEERGLYLIHLLLTCANHVASGSLQNANAALE
QLSHLASPDGDTMQRIAAYFTEALANRILKSWPGLYKALNATQTRTNNVSEEIHVRRLFFEMFPILKVSYLLTNRAILEA
MEGEKMVHVIDLDASEPAQWLALLQAFNSRPEGPPHLRITGVHHQKEVLEQMAHRLIEEAEKLDIPFQFNPVVSRLDCLN
VEQLRVKTGEALAVSSVLQLHTFLASDDDLMENDMSNNNGYSPSGDSASSLPLPSSGRTDSFLNAIWGLSPKVMVVTEQD
SDHNGSTLMERLLESLYTYAALFDCLETKVPRTSQDRIKVEKMLFGEEIKNIISCEGFERRERHEKLEKWSQRIDLAGFG
NVPLSYYAMLQARRLLQGCGFDGYRIKEESGCAVICWQDRPLYSVSAWRCRK
;
C
2 'polypeptide(L)' GPQIASMSATALLQKAAQMGSKRSSSSSSNSKTFGLMT B
#
# COMPACT_ATOMS: atom_id res chain seq x y z
N LEU A 47 -36.82 0.72 8.90
CA LEU A 47 -35.45 0.63 8.40
C LEU A 47 -35.14 -0.79 7.90
N LYS A 48 -35.06 -0.95 6.57
CA LYS A 48 -34.81 -2.22 5.92
C LYS A 48 -33.44 -2.22 5.24
N PRO A 49 -32.77 -3.39 5.17
CA PRO A 49 -31.34 -3.41 4.80
C PRO A 49 -30.98 -3.12 3.34
N GLU A 50 -30.98 -4.13 2.47
CA GLU A 50 -30.25 -4.04 1.19
C GLU A 50 -30.57 -2.78 0.40
N GLU A 51 -31.79 -2.24 0.52
CA GLU A 51 -32.08 -0.98 -0.13
C GLU A 51 -31.25 0.16 0.45
N ARG A 52 -30.87 0.06 1.72
CA ARG A 52 -30.02 1.09 2.32
C ARG A 52 -28.64 1.09 1.68
N GLY A 53 -28.22 -0.06 1.14
CA GLY A 53 -26.96 -0.17 0.45
C GLY A 53 -26.82 0.77 -0.72
N LEU A 54 -27.76 0.71 -1.67
CA LEU A 54 -27.81 1.71 -2.75
C LEU A 54 -27.88 3.11 -2.17
N TYR A 55 -28.84 3.31 -1.26
CA TYR A 55 -29.16 4.63 -0.74
C TYR A 55 -27.92 5.32 -0.15
N LEU A 56 -27.13 4.58 0.62
CA LEU A 56 -25.91 5.15 1.21
C LEU A 56 -25.00 5.71 0.14
N ILE A 57 -24.84 4.97 -0.96
CA ILE A 57 -23.98 5.42 -2.05
C ILE A 57 -24.46 6.78 -2.55
N HIS A 58 -25.73 6.88 -2.93
CA HIS A 58 -26.29 8.15 -3.38
C HIS A 58 -26.05 9.25 -2.35
N LEU A 59 -26.09 8.91 -1.06
CA LEU A 59 -25.88 9.92 -0.03
C LEU A 59 -24.46 10.48 -0.07
N LEU A 60 -23.46 9.60 -0.25
CA LEU A 60 -22.08 10.08 -0.28
C LEU A 60 -21.83 11.00 -1.46
N LEU A 61 -22.34 10.65 -2.65
CA LEU A 61 -22.22 11.53 -3.81
C LEU A 61 -22.93 12.86 -3.59
N THR A 62 -24.21 12.81 -3.22
CA THR A 62 -24.95 14.05 -2.95
C THR A 62 -24.25 14.91 -1.90
N CYS A 63 -23.75 14.29 -0.84
CA CYS A 63 -23.02 15.05 0.18
C CYS A 63 -21.75 15.65 -0.38
N ALA A 64 -21.01 14.88 -1.19
CA ALA A 64 -19.72 15.36 -1.69
C ALA A 64 -19.89 16.54 -2.63
N ASN A 65 -20.98 16.55 -3.41
CA ASN A 65 -21.19 17.64 -4.37
C ASN A 65 -21.40 18.97 -3.66
N HIS A 66 -22.04 18.95 -2.48
CA HIS A 66 -22.29 20.18 -1.75
C HIS A 66 -21.00 20.75 -1.15
N VAL A 67 -20.15 19.88 -0.61
CA VAL A 67 -18.86 20.33 -0.10
C VAL A 67 -18.02 20.94 -1.22
N ALA A 68 -17.90 20.20 -2.33
CA ALA A 68 -17.10 20.67 -3.45
C ALA A 68 -17.61 21.99 -4.01
N SER A 69 -18.92 22.12 -4.16
CA SER A 69 -19.54 23.32 -4.72
C SER A 69 -20.56 23.85 -3.73
N GLY A 70 -20.23 24.92 -3.04
CA GLY A 70 -21.19 25.61 -2.22
C GLY A 70 -21.10 25.29 -0.74
N SER A 71 -22.15 25.71 -0.03
CA SER A 71 -22.17 25.73 1.43
C SER A 71 -22.53 24.36 1.99
N LEU A 72 -22.31 24.23 3.31
CA LEU A 72 -22.51 22.99 4.03
C LEU A 72 -23.93 22.80 4.54
N GLN A 73 -24.81 23.80 4.38
CA GLN A 73 -26.17 23.68 4.86
C GLN A 73 -26.85 22.45 4.27
N ASN A 74 -26.70 22.26 2.96
CA ASN A 74 -27.19 21.05 2.33
C ASN A 74 -26.25 19.87 2.57
N ALA A 75 -24.97 20.12 2.82
CA ALA A 75 -24.06 19.03 3.15
C ALA A 75 -24.40 18.42 4.50
N ASN A 76 -24.72 19.26 5.49
CA ASN A 76 -25.12 18.75 6.80
C ASN A 76 -26.37 17.88 6.71
N ALA A 77 -27.26 18.16 5.75
CA ALA A 77 -28.48 17.38 5.61
C ALA A 77 -28.16 15.91 5.36
N ALA A 78 -27.39 15.62 4.31
CA ALA A 78 -27.04 14.24 4.01
C ALA A 78 -26.15 13.63 5.08
N LEU A 79 -25.32 14.45 5.74
CA LEU A 79 -24.39 13.92 6.73
C LEU A 79 -25.14 13.37 7.95
N GLU A 80 -26.08 14.15 8.48
CA GLU A 80 -26.99 13.61 9.50
C GLU A 80 -27.75 12.42 8.97
N GLN A 81 -28.22 12.51 7.73
CA GLN A 81 -28.92 11.39 7.09
C GLN A 81 -28.02 10.16 6.99
N LEU A 82 -26.74 10.37 6.73
CA LEU A 82 -25.79 9.26 6.64
C LEU A 82 -25.51 8.64 8.00
N SER A 83 -25.30 9.48 9.02
CA SER A 83 -24.77 9.00 10.29
C SER A 83 -25.71 8.02 10.99
N HIS A 84 -27.02 8.19 10.81
CA HIS A 84 -27.95 7.23 11.38
C HIS A 84 -27.90 5.88 10.68
N LEU A 85 -27.37 5.83 9.46
CA LEU A 85 -27.43 4.64 8.62
C LEU A 85 -26.10 3.91 8.47
N ALA A 86 -25.02 4.45 9.00
CA ALA A 86 -23.70 3.87 8.82
C ALA A 86 -23.13 3.44 10.16
N SER A 87 -22.72 2.18 10.26
CA SER A 87 -22.09 1.70 11.48
C SER A 87 -20.72 1.12 11.15
N PRO A 88 -19.76 1.26 12.07
CA PRO A 88 -18.46 0.62 11.88
C PRO A 88 -18.50 -0.89 12.02
N ASP A 89 -19.55 -1.44 12.61
CA ASP A 89 -19.59 -2.86 12.94
C ASP A 89 -20.66 -3.63 12.16
N GLY A 90 -21.28 -3.02 11.16
CA GLY A 90 -22.41 -3.63 10.49
C GLY A 90 -22.07 -4.18 9.13
N ASP A 91 -22.98 -3.97 8.18
CA ASP A 91 -22.85 -4.45 6.82
C ASP A 91 -21.54 -3.94 6.19
N THR A 92 -21.16 -4.55 5.06
CA THR A 92 -19.98 -4.07 4.35
C THR A 92 -20.18 -2.63 3.89
N MET A 93 -21.30 -2.36 3.21
CA MET A 93 -21.58 -1.00 2.79
C MET A 93 -21.89 -0.11 3.99
N GLN A 94 -22.41 -0.69 5.07
CA GLN A 94 -22.53 0.06 6.33
C GLN A 94 -21.16 0.49 6.83
N ARG A 95 -20.17 -0.40 6.77
CA ARG A 95 -18.82 -0.04 7.21
C ARG A 95 -18.21 0.99 6.27
N ILE A 96 -18.36 0.78 4.96
CA ILE A 96 -17.75 1.67 3.98
C ILE A 96 -18.22 3.10 4.22
N ALA A 97 -19.54 3.29 4.30
CA ALA A 97 -20.07 4.63 4.55
C ALA A 97 -19.71 5.15 5.94
N ALA A 98 -19.28 4.28 6.86
CA ALA A 98 -18.89 4.77 8.17
C ALA A 98 -17.60 5.58 8.09
N TYR A 99 -16.69 5.20 7.19
CA TYR A 99 -15.40 5.86 7.11
C TYR A 99 -15.35 6.98 6.08
N PHE A 100 -16.18 6.89 5.03
CA PHE A 100 -16.28 8.00 4.09
C PHE A 100 -17.07 9.17 4.67
N THR A 101 -18.08 8.89 5.49
CA THR A 101 -18.85 9.95 6.13
C THR A 101 -17.96 10.80 7.03
N GLU A 102 -17.18 10.16 7.90
CA GLU A 102 -16.23 10.90 8.71
C GLU A 102 -15.16 11.56 7.84
N ALA A 103 -14.86 10.98 6.69
CA ALA A 103 -13.87 11.57 5.78
C ALA A 103 -14.35 12.92 5.25
N LEU A 104 -15.61 13.00 4.81
CA LEU A 104 -16.13 14.26 4.30
C LEU A 104 -16.29 15.29 5.40
N ALA A 105 -16.64 14.85 6.61
CA ALA A 105 -16.78 15.78 7.72
C ALA A 105 -15.47 16.52 7.99
N ASN A 106 -14.35 15.78 8.01
CA ASN A 106 -13.05 16.41 8.19
C ASN A 106 -12.79 17.46 7.13
N ARG A 107 -13.12 17.14 5.87
CA ARG A 107 -12.96 18.11 4.80
C ARG A 107 -13.78 19.37 5.06
N ILE A 108 -14.99 19.20 5.57
CA ILE A 108 -15.83 20.35 5.89
C ILE A 108 -15.22 21.16 7.03
N LEU A 109 -14.63 20.49 8.02
CA LEU A 109 -14.02 21.19 9.14
C LEU A 109 -12.90 22.10 8.68
N LYS A 110 -12.11 21.68 7.68
CA LYS A 110 -11.01 22.50 7.19
C LYS A 110 -11.46 23.79 6.55
N SER A 111 -12.77 23.96 6.30
CA SER A 111 -13.28 25.27 5.90
C SER A 111 -13.15 26.28 7.02
N TRP A 112 -13.17 25.82 8.27
CA TRP A 112 -12.94 26.67 9.44
C TRP A 112 -11.73 26.14 10.19
N PRO A 113 -10.53 26.68 9.90
CA PRO A 113 -9.33 26.23 10.62
C PRO A 113 -9.43 26.39 12.12
N GLY A 114 -10.24 27.33 12.61
CA GLY A 114 -10.43 27.50 14.02
C GLY A 114 -10.93 26.24 14.70
N LEU A 115 -12.10 25.75 14.29
CA LEU A 115 -12.66 24.55 14.91
C LEU A 115 -11.73 23.35 14.74
N TYR A 116 -11.24 23.12 13.51
CA TYR A 116 -10.40 21.94 13.27
C TYR A 116 -9.16 21.95 14.15
N LYS A 117 -8.43 23.07 14.17
CA LYS A 117 -7.25 23.15 15.01
C LYS A 117 -7.61 23.04 16.48
N ALA A 118 -8.69 23.71 16.89
CA ALA A 118 -9.09 23.67 18.30
C ALA A 118 -9.50 22.26 18.72
N LEU A 119 -10.22 21.54 17.85
CA LEU A 119 -10.61 20.18 18.17
C LEU A 119 -9.39 19.28 18.31
N ASN A 120 -8.39 19.48 17.47
CA ASN A 120 -7.16 18.69 17.48
C ASN A 120 -6.07 19.41 18.27
N ALA A 121 -6.37 19.67 19.54
CA ALA A 121 -5.50 20.49 20.37
C ALA A 121 -4.87 19.75 21.54
N THR A 122 -5.26 18.50 21.80
CA THR A 122 -4.76 17.77 22.95
C THR A 122 -4.09 16.45 22.58
N GLN A 123 -3.66 16.30 21.33
CA GLN A 123 -3.22 15.01 20.82
C GLN A 123 -1.70 14.91 20.70
N THR A 124 -0.95 15.82 21.30
CA THR A 124 0.47 15.92 20.94
C THR A 124 1.27 14.76 21.50
N ARG A 125 1.14 14.46 22.80
CA ARG A 125 1.92 13.38 23.41
C ARG A 125 1.44 12.06 22.83
N THR A 126 1.89 11.77 21.62
CA THR A 126 1.61 10.51 20.94
C THR A 126 2.96 9.87 20.65
N ASN A 127 3.25 8.77 21.36
CA ASN A 127 4.50 8.03 21.18
C ASN A 127 4.17 6.53 21.15
N ASN A 128 3.26 6.17 20.24
CA ASN A 128 2.74 4.80 20.18
C ASN A 128 3.05 4.21 18.80
N VAL A 129 4.15 3.45 18.73
CA VAL A 129 4.47 2.65 17.56
C VAL A 129 4.05 1.19 17.75
N SER A 130 3.86 0.74 18.99
CA SER A 130 3.52 -0.66 19.24
C SER A 130 2.20 -1.04 18.56
N GLU A 131 1.23 -0.14 18.53
CA GLU A 131 0.01 -0.41 17.77
C GLU A 131 0.26 -0.30 16.27
N GLU A 132 1.16 0.61 15.86
CA GLU A 132 1.42 0.79 14.44
C GLU A 132 1.97 -0.48 13.80
N ILE A 133 2.92 -1.14 14.47
CA ILE A 133 3.43 -2.41 13.96
C ILE A 133 2.34 -3.47 13.98
N HIS A 134 1.45 -3.40 14.98
CA HIS A 134 0.37 -4.37 15.06
C HIS A 134 -0.51 -4.35 13.81
N VAL A 135 -0.77 -3.15 13.26
CA VAL A 135 -1.61 -3.06 12.07
C VAL A 135 -0.87 -3.57 10.84
N ARG A 136 0.45 -3.32 10.78
CA ARG A 136 1.24 -3.85 9.67
C ARG A 136 1.27 -5.36 9.67
N ARG A 137 1.35 -5.97 10.86
CA ARG A 137 1.33 -7.42 10.94
C ARG A 137 -0.03 -7.98 10.56
N LEU A 138 -1.11 -7.28 10.94
CA LEU A 138 -2.45 -7.74 10.59
C LEU A 138 -2.65 -7.75 9.08
N PHE A 139 -2.36 -6.63 8.41
CA PHE A 139 -2.45 -6.59 6.96
C PHE A 139 -1.63 -7.70 6.32
N PHE A 140 -0.43 -7.93 6.83
CA PHE A 140 0.41 -9.03 6.36
C PHE A 140 -0.30 -10.37 6.48
N GLU A 141 -0.93 -10.62 7.64
CA GLU A 141 -1.54 -11.93 7.88
C GLU A 141 -2.92 -12.02 7.25
N MET A 142 -3.74 -10.98 7.41
CA MET A 142 -5.13 -11.04 6.95
C MET A 142 -5.25 -10.91 5.44
N PHE A 143 -4.24 -10.35 4.77
CA PHE A 143 -4.26 -10.18 3.33
C PHE A 143 -3.01 -10.80 2.71
N PRO A 144 -3.14 -11.36 1.52
CA PRO A 144 -1.98 -11.88 0.78
C PRO A 144 -1.24 -10.82 -0.05
N ILE A 145 -1.61 -9.54 0.09
CA ILE A 145 -0.97 -8.49 -0.71
C ILE A 145 0.54 -8.52 -0.51
N LEU A 146 0.98 -8.59 0.74
CA LEU A 146 2.41 -8.54 1.02
C LEU A 146 3.07 -9.90 0.86
N LYS A 147 2.37 -10.99 1.19
CA LYS A 147 2.95 -12.32 1.00
C LYS A 147 3.26 -12.60 -0.46
N VAL A 148 2.38 -12.14 -1.36
CA VAL A 148 2.63 -12.32 -2.79
C VAL A 148 3.75 -11.39 -3.25
N SER A 149 3.71 -10.13 -2.83
CA SER A 149 4.75 -9.19 -3.22
C SER A 149 6.12 -9.67 -2.76
N TYR A 150 6.24 -10.05 -1.48
CA TYR A 150 7.53 -10.50 -0.95
C TYR A 150 8.07 -11.69 -1.72
N LEU A 151 7.23 -12.70 -1.95
CA LEU A 151 7.67 -13.85 -2.74
C LEU A 151 8.12 -13.42 -4.13
N LEU A 152 7.39 -12.46 -4.73
CA LEU A 152 7.67 -12.07 -6.10
C LEU A 152 8.99 -11.30 -6.21
N THR A 153 9.19 -10.31 -5.35
CA THR A 153 10.44 -9.54 -5.38
C THR A 153 11.64 -10.41 -5.09
N ASN A 154 11.56 -11.25 -4.04
CA ASN A 154 12.67 -12.13 -3.72
C ASN A 154 12.95 -13.12 -4.85
N ARG A 155 11.90 -13.61 -5.51
CA ARG A 155 12.12 -14.45 -6.68
C ARG A 155 12.76 -13.65 -7.80
N ALA A 156 12.35 -12.38 -7.94
CA ALA A 156 12.96 -11.52 -8.95
C ALA A 156 14.38 -11.11 -8.56
N ILE A 157 14.60 -10.81 -7.27
CA ILE A 157 15.94 -10.43 -6.81
C ILE A 157 16.91 -11.59 -6.96
N LEU A 158 16.47 -12.81 -6.60
CA LEU A 158 17.32 -13.99 -6.77
C LEU A 158 17.77 -14.13 -8.22
N GLU A 159 16.89 -13.80 -9.16
CA GLU A 159 17.18 -13.99 -10.57
C GLU A 159 18.29 -13.08 -11.06
N ALA A 160 18.28 -11.81 -10.63
CA ALA A 160 19.32 -10.90 -11.06
C ALA A 160 20.63 -11.07 -10.31
N MET A 161 20.60 -11.78 -9.19
CA MET A 161 21.78 -11.96 -8.34
C MET A 161 22.42 -13.34 -8.52
N GLU A 162 22.13 -14.03 -9.62
CA GLU A 162 22.81 -15.28 -9.88
C GLU A 162 24.28 -15.03 -10.17
N GLY A 163 25.15 -15.73 -9.45
CA GLY A 163 26.59 -15.58 -9.62
C GLY A 163 27.19 -14.34 -9.00
N GLU A 164 26.49 -13.67 -8.08
CA GLU A 164 26.99 -12.47 -7.43
C GLU A 164 27.44 -12.81 -6.02
N LYS A 165 28.72 -12.57 -5.74
CA LYS A 165 29.28 -12.91 -4.43
C LYS A 165 28.90 -11.88 -3.37
N MET A 166 28.71 -10.63 -3.76
CA MET A 166 28.26 -9.58 -2.87
C MET A 166 26.93 -9.03 -3.37
N VAL A 167 26.04 -8.74 -2.43
CA VAL A 167 24.68 -8.31 -2.73
C VAL A 167 24.32 -7.15 -1.81
N HIS A 168 23.84 -6.06 -2.40
CA HIS A 168 23.34 -4.91 -1.66
C HIS A 168 21.87 -4.70 -1.99
N VAL A 169 21.02 -4.75 -0.97
CA VAL A 169 19.59 -4.50 -1.13
C VAL A 169 19.26 -3.22 -0.38
N ILE A 170 18.47 -2.35 -1.03
CA ILE A 170 17.96 -1.14 -0.42
C ILE A 170 16.46 -1.29 -0.24
N ASP A 171 15.97 -1.08 0.97
CA ASP A 171 14.56 -1.21 1.30
C ASP A 171 14.03 0.15 1.74
N LEU A 172 13.21 0.76 0.88
CA LEU A 172 12.49 1.97 1.27
C LEU A 172 11.29 1.59 2.14
N ASP A 173 11.13 2.30 3.24
CA ASP A 173 10.18 1.92 4.30
C ASP A 173 10.34 0.45 4.67
N ALA A 174 11.51 0.13 5.20
CA ALA A 174 11.82 -1.20 5.71
C ALA A 174 11.19 -1.33 7.09
N SER A 175 9.95 -1.80 7.12
CA SER A 175 9.21 -1.96 8.36
C SER A 175 8.89 -3.41 8.69
N GLU A 176 8.92 -4.31 7.71
CA GLU A 176 8.56 -5.72 7.94
C GLU A 176 9.75 -6.62 7.66
N PRO A 177 10.26 -7.34 8.65
CA PRO A 177 11.48 -8.13 8.44
C PRO A 177 11.25 -9.39 7.64
N ALA A 178 10.01 -9.91 7.67
CA ALA A 178 9.71 -11.20 7.05
C ALA A 178 10.01 -11.22 5.56
N GLN A 179 10.02 -10.06 4.91
CA GLN A 179 10.40 -10.00 3.50
C GLN A 179 11.84 -10.44 3.29
N TRP A 180 12.74 -10.03 4.20
CA TRP A 180 14.14 -10.41 4.06
C TRP A 180 14.42 -11.76 4.71
N LEU A 181 13.68 -12.13 5.76
CA LEU A 181 13.76 -13.48 6.29
C LEU A 181 13.62 -14.52 5.18
N ALA A 182 12.72 -14.27 4.22
CA ALA A 182 12.60 -15.16 3.08
C ALA A 182 13.84 -15.11 2.18
N LEU A 183 14.50 -13.95 2.10
CA LEU A 183 15.69 -13.82 1.26
C LEU A 183 16.85 -14.65 1.80
N LEU A 184 17.16 -14.48 3.09
CA LEU A 184 18.27 -15.23 3.69
C LEU A 184 18.08 -16.74 3.54
N GLN A 185 16.86 -17.21 3.80
CA GLN A 185 16.54 -18.62 3.55
C GLN A 185 16.87 -19.00 2.12
N ALA A 186 16.31 -18.26 1.15
CA ALA A 186 16.45 -18.64 -0.25
C ALA A 186 17.89 -18.54 -0.73
N PHE A 187 18.63 -17.52 -0.28
CA PHE A 187 20.04 -17.41 -0.62
C PHE A 187 20.81 -18.65 -0.17
N ASN A 188 20.57 -19.10 1.05
CA ASN A 188 21.22 -20.33 1.51
C ASN A 188 20.70 -21.54 0.74
N SER A 189 19.50 -21.45 0.18
CA SER A 189 18.91 -22.59 -0.51
C SER A 189 19.55 -22.83 -1.87
N ARG A 190 20.04 -21.78 -2.52
CA ARG A 190 20.58 -21.94 -3.87
C ARG A 190 21.83 -22.80 -3.85
N PRO A 191 22.05 -23.59 -4.91
CA PRO A 191 23.17 -24.56 -4.89
C PRO A 191 24.55 -23.92 -4.74
N GLU A 192 24.75 -22.72 -5.31
CA GLU A 192 26.06 -22.08 -5.23
C GLU A 192 26.47 -21.80 -3.79
N GLY A 193 25.56 -21.25 -3.00
CA GLY A 193 25.87 -20.87 -1.65
C GLY A 193 25.46 -19.44 -1.37
N PRO A 194 25.39 -19.09 -0.08
CA PRO A 194 24.99 -17.73 0.27
C PRO A 194 26.05 -16.73 -0.19
N PRO A 195 25.62 -15.54 -0.56
CA PRO A 195 26.59 -14.47 -0.83
C PRO A 195 26.73 -13.56 0.37
N HIS A 196 27.79 -12.75 0.41
CA HIS A 196 27.84 -11.68 1.41
C HIS A 196 26.70 -10.72 1.15
N LEU A 197 26.01 -10.33 2.21
CA LEU A 197 24.74 -9.62 2.07
C LEU A 197 24.74 -8.37 2.92
N ARG A 198 24.45 -7.23 2.30
CA ARG A 198 24.20 -6.00 3.02
C ARG A 198 22.80 -5.52 2.70
N ILE A 199 22.10 -5.04 3.73
CA ILE A 199 20.77 -4.47 3.59
C ILE A 199 20.77 -3.07 4.20
N THR A 200 20.21 -2.12 3.48
CA THR A 200 19.99 -0.77 4.00
C THR A 200 18.51 -0.63 4.32
N GLY A 201 18.19 -0.28 5.57
CA GLY A 201 16.83 -0.14 6.02
C GLY A 201 16.48 1.33 6.18
N VAL A 202 15.36 1.73 5.60
CA VAL A 202 14.90 3.12 5.60
C VAL A 202 13.57 3.16 6.33
N HIS A 203 13.51 3.94 7.42
CA HIS A 203 12.25 4.18 8.12
C HIS A 203 12.44 5.39 9.01
N HIS A 204 11.34 6.00 9.42
CA HIS A 204 11.38 7.23 10.21
C HIS A 204 11.39 6.97 11.71
N GLN A 205 11.45 5.72 12.14
CA GLN A 205 11.40 5.36 13.55
C GLN A 205 12.54 4.42 13.88
N LYS A 206 13.45 4.85 14.76
CA LYS A 206 14.60 4.04 15.12
C LYS A 206 14.18 2.74 15.79
N GLU A 207 13.03 2.74 16.48
CA GLU A 207 12.59 1.54 17.19
C GLU A 207 12.36 0.38 16.21
N VAL A 208 11.72 0.66 15.08
CA VAL A 208 11.44 -0.39 14.10
C VAL A 208 12.74 -0.92 13.49
N LEU A 209 13.67 -0.02 13.16
CA LEU A 209 14.94 -0.45 12.59
C LEU A 209 15.76 -1.25 13.58
N GLU A 210 15.77 -0.83 14.85
CA GLU A 210 16.40 -1.63 15.89
C GLU A 210 15.71 -2.99 16.01
N GLN A 211 14.40 -3.02 15.83
CA GLN A 211 13.67 -4.28 15.89
C GLN A 211 13.97 -5.16 14.68
N MET A 212 14.12 -4.56 13.50
CA MET A 212 14.38 -5.36 12.30
C MET A 212 15.79 -5.94 12.33
N ALA A 213 16.78 -5.11 12.66
CA ALA A 213 18.16 -5.58 12.73
C ALA A 213 18.26 -6.82 13.60
N HIS A 214 17.78 -6.72 14.84
CA HIS A 214 17.89 -7.82 15.80
C HIS A 214 17.37 -9.13 15.24
N ARG A 215 16.12 -9.14 14.75
CA ARG A 215 15.58 -10.36 14.17
C ARG A 215 16.36 -10.78 12.94
N LEU A 216 16.88 -9.81 12.17
CA LEU A 216 17.60 -10.14 10.94
C LEU A 216 18.99 -10.70 11.25
N ILE A 217 19.74 -10.04 12.14
CA ILE A 217 21.12 -10.47 12.39
C ILE A 217 21.12 -11.86 13.02
N GLU A 218 20.21 -12.11 13.97
CA GLU A 218 20.17 -13.41 14.63
C GLU A 218 19.94 -14.53 13.62
N GLU A 219 19.00 -14.34 12.69
CA GLU A 219 18.74 -15.37 11.69
C GLU A 219 19.95 -15.60 10.81
N ALA A 220 20.65 -14.52 10.45
CA ALA A 220 21.81 -14.65 9.57
C ALA A 220 22.91 -15.49 10.22
N GLU A 221 23.24 -15.20 11.48
CA GLU A 221 24.30 -15.94 12.16
C GLU A 221 23.94 -17.42 12.29
N LYS A 222 22.65 -17.74 12.47
CA LYS A 222 22.23 -19.12 12.57
C LYS A 222 22.24 -19.84 11.21
N LEU A 223 22.19 -19.08 10.11
CA LEU A 223 22.31 -19.64 8.77
C LEU A 223 23.75 -19.64 8.26
N ASP A 224 24.69 -19.07 9.01
CA ASP A 224 26.09 -18.96 8.60
C ASP A 224 26.22 -18.14 7.31
N ILE A 225 25.51 -17.02 7.25
CA ILE A 225 25.58 -16.09 6.14
C ILE A 225 26.32 -14.85 6.60
N PRO A 226 27.36 -14.40 5.89
CA PRO A 226 27.89 -13.05 6.14
C PRO A 226 26.83 -12.01 5.81
N PHE A 227 26.46 -11.23 6.82
CA PHE A 227 25.31 -10.34 6.70
C PHE A 227 25.55 -9.08 7.50
N GLN A 228 25.11 -7.95 6.95
CA GLN A 228 25.27 -6.64 7.60
C GLN A 228 24.02 -5.83 7.39
N PHE A 229 23.49 -5.26 8.47
CA PHE A 229 22.35 -4.35 8.38
C PHE A 229 22.85 -2.92 8.56
N ASN A 230 22.50 -2.07 7.62
CA ASN A 230 22.84 -0.64 7.67
C ASN A 230 21.56 0.15 7.83
N PRO A 231 21.20 0.57 9.05
CA PRO A 231 19.95 1.32 9.23
C PRO A 231 20.12 2.82 9.02
N VAL A 232 19.31 3.40 8.16
CA VAL A 232 19.25 4.85 8.00
C VAL A 232 17.86 5.32 8.47
N VAL A 233 17.86 6.40 9.24
CA VAL A 233 16.66 6.91 9.89
C VAL A 233 16.31 8.23 9.23
N SER A 234 15.31 8.22 8.34
CA SER A 234 14.89 9.44 7.67
C SER A 234 13.57 9.19 6.95
N ARG A 235 12.76 10.23 6.85
CA ARG A 235 11.56 10.18 6.04
C ARG A 235 11.93 10.04 4.56
N LEU A 236 10.94 9.75 3.72
CA LEU A 236 11.26 9.52 2.32
C LEU A 236 11.42 10.81 1.52
N ASP A 237 10.76 11.89 1.92
CA ASP A 237 10.99 13.16 1.25
C ASP A 237 12.43 13.60 1.39
N CYS A 238 13.00 13.43 2.58
CA CYS A 238 14.32 13.95 2.91
C CYS A 238 15.44 12.95 2.66
N LEU A 239 15.15 11.75 2.18
CA LEU A 239 16.21 10.81 1.89
C LEU A 239 16.98 11.21 0.64
N ASN A 240 18.30 11.17 0.71
CA ASN A 240 19.16 11.38 -0.44
C ASN A 240 19.72 10.03 -0.86
N VAL A 241 19.33 9.58 -2.05
CA VAL A 241 19.70 8.25 -2.51
C VAL A 241 21.18 8.19 -2.85
N GLU A 242 21.70 9.24 -3.50
CA GLU A 242 23.10 9.22 -3.94
C GLU A 242 24.06 9.17 -2.76
N GLN A 243 23.71 9.85 -1.66
CA GLN A 243 24.57 9.89 -0.47
C GLN A 243 24.80 8.49 0.12
N LEU A 244 23.98 7.52 -0.23
CA LEU A 244 24.03 6.21 0.40
C LEU A 244 25.35 5.50 0.08
N ARG A 245 25.92 4.86 1.11
CA ARG A 245 27.17 4.13 0.95
C ARG A 245 27.04 3.00 -0.06
N VAL A 246 27.95 2.98 -1.02
CA VAL A 246 28.08 1.87 -1.96
C VAL A 246 29.52 1.39 -1.91
N LYS A 247 29.70 0.12 -1.53
CA LYS A 247 30.99 -0.53 -1.62
C LYS A 247 31.08 -1.19 -3.00
N THR A 248 32.08 -0.78 -3.77
CA THR A 248 32.21 -1.27 -5.14
C THR A 248 32.43 -2.78 -5.17
N GLY A 249 32.14 -3.39 -6.31
CA GLY A 249 32.11 -4.82 -6.43
C GLY A 249 30.82 -5.47 -5.98
N GLU A 250 29.89 -4.69 -5.44
CA GLU A 250 28.61 -5.19 -4.99
C GLU A 250 27.64 -5.33 -6.16
N ALA A 251 26.50 -5.94 -5.89
CA ALA A 251 25.36 -5.94 -6.78
C ALA A 251 24.20 -5.32 -6.03
N LEU A 252 23.58 -4.30 -6.61
CA LEU A 252 22.54 -3.53 -5.93
C LEU A 252 21.16 -3.99 -6.37
N ALA A 253 20.24 -4.04 -5.42
CA ALA A 253 18.82 -4.25 -5.68
C ALA A 253 18.02 -3.26 -4.86
N VAL A 254 17.00 -2.67 -5.47
CA VAL A 254 16.12 -1.72 -4.81
C VAL A 254 14.72 -2.31 -4.79
N SER A 255 14.02 -2.13 -3.66
CA SER A 255 12.66 -2.62 -3.51
C SER A 255 11.80 -1.52 -2.89
N SER A 256 10.65 -1.27 -3.48
CA SER A 256 9.74 -0.21 -3.03
C SER A 256 8.34 -0.82 -2.90
N VAL A 257 7.92 -1.09 -1.67
CA VAL A 257 6.62 -1.69 -1.38
C VAL A 257 5.68 -0.56 -0.98
N LEU A 258 4.80 -0.18 -1.92
CA LEU A 258 3.76 0.83 -1.68
C LEU A 258 4.32 2.16 -1.20
N GLN A 259 5.50 2.54 -1.70
CA GLN A 259 6.18 3.72 -1.21
C GLN A 259 6.56 4.70 -2.31
N LEU A 260 6.16 4.45 -3.56
CA LEU A 260 6.49 5.35 -4.65
C LEU A 260 5.48 6.48 -4.79
N HIS A 261 4.19 6.17 -4.58
CA HIS A 261 3.12 7.14 -4.81
C HIS A 261 3.13 8.31 -3.85
N THR A 262 3.91 8.25 -2.76
CA THR A 262 3.99 9.40 -1.87
C THR A 262 4.77 10.57 -2.46
N PHE A 263 5.49 10.34 -3.55
CA PHE A 263 6.24 11.40 -4.22
C PHE A 263 5.38 12.21 -5.18
N LEU A 264 4.20 11.71 -5.54
CA LEU A 264 3.29 12.47 -6.39
C LEU A 264 2.65 13.64 -5.65
N ALA A 265 2.64 13.61 -4.32
CA ALA A 265 2.17 14.74 -3.53
C ALA A 265 3.05 15.95 -3.77
N SER A 266 4.30 15.86 -3.34
CA SER A 266 5.28 16.93 -3.58
C SER A 266 5.62 17.04 -5.06
N GLY A 297 9.23 18.15 -10.48
CA GLY A 297 9.20 16.71 -10.63
C GLY A 297 9.80 15.98 -9.43
N ARG A 298 9.00 15.82 -8.38
CA ARG A 298 9.48 15.13 -7.19
C ARG A 298 9.68 13.64 -7.46
N THR A 299 8.79 13.04 -8.26
CA THR A 299 8.94 11.64 -8.61
C THR A 299 10.15 11.41 -9.50
N ASP A 300 10.22 12.12 -10.63
CA ASP A 300 11.25 11.85 -11.63
C ASP A 300 12.63 12.17 -11.08
N SER A 301 12.75 13.14 -10.18
CA SER A 301 14.02 13.36 -9.49
C SER A 301 14.42 12.12 -8.70
N PHE A 302 13.44 11.49 -8.03
CA PHE A 302 13.74 10.36 -7.17
C PHE A 302 14.12 9.11 -7.97
N LEU A 303 13.38 8.82 -9.04
CA LEU A 303 13.68 7.64 -9.83
C LEU A 303 15.06 7.72 -10.46
N ASN A 304 15.43 8.90 -10.96
CA ASN A 304 16.76 9.08 -11.54
C ASN A 304 17.86 8.92 -10.49
N ALA A 305 17.58 9.33 -9.25
CA ALA A 305 18.54 9.12 -8.17
C ALA A 305 18.77 7.63 -7.93
N ILE A 306 17.70 6.83 -8.01
CA ILE A 306 17.86 5.38 -7.97
C ILE A 306 18.63 4.89 -9.20
N TRP A 307 18.28 5.43 -10.37
CA TRP A 307 19.02 5.14 -11.59
C TRP A 307 20.51 5.45 -11.43
N GLY A 308 20.84 6.51 -10.69
CA GLY A 308 22.23 6.89 -10.47
C GLY A 308 23.06 5.86 -9.74
N LEU A 309 22.44 4.86 -9.13
CA LEU A 309 23.17 3.80 -8.43
C LEU A 309 23.37 2.57 -9.28
N SER A 310 22.80 2.52 -10.48
CA SER A 310 22.90 1.41 -11.42
C SER A 310 22.41 0.11 -10.79
N PRO A 311 21.14 0.03 -10.39
CA PRO A 311 20.65 -1.18 -9.74
C PRO A 311 20.49 -2.32 -10.72
N LYS A 312 20.88 -3.52 -10.28
CA LYS A 312 20.62 -4.71 -11.10
C LYS A 312 19.12 -4.89 -11.32
N VAL A 313 18.34 -4.81 -10.24
CA VAL A 313 16.88 -4.80 -10.34
C VAL A 313 16.32 -3.75 -9.39
N MET A 314 15.19 -3.17 -9.79
CA MET A 314 14.35 -2.39 -8.90
C MET A 314 12.95 -2.97 -9.03
N VAL A 315 12.43 -3.54 -7.95
CA VAL A 315 11.10 -4.14 -7.95
C VAL A 315 10.16 -3.18 -7.22
N VAL A 316 9.06 -2.82 -7.87
CA VAL A 316 8.11 -1.85 -7.33
C VAL A 316 6.79 -2.57 -7.12
N THR A 317 6.41 -2.74 -5.86
CA THR A 317 5.05 -3.13 -5.49
C THR A 317 4.24 -1.85 -5.29
N GLU A 318 3.16 -1.69 -6.03
CA GLU A 318 2.36 -0.50 -5.91
C GLU A 318 0.89 -0.79 -6.12
N GLN A 319 0.07 0.07 -5.52
CA GLN A 319 -1.38 -0.07 -5.60
C GLN A 319 -1.86 0.29 -7.00
N ASP A 320 -2.92 -0.39 -7.42
CA ASP A 320 -3.39 -0.35 -8.80
C ASP A 320 -4.83 0.13 -8.82
N SER A 321 -5.00 1.44 -8.59
CA SER A 321 -6.31 2.06 -8.61
C SER A 321 -6.13 3.55 -8.87
N ASP A 322 -7.09 4.16 -9.57
CA ASP A 322 -7.02 5.57 -9.93
C ASP A 322 -7.65 6.39 -8.82
N HIS A 323 -6.87 6.65 -7.77
CA HIS A 323 -7.31 7.44 -6.63
C HIS A 323 -6.72 8.84 -6.62
N ASN A 324 -6.23 9.33 -7.76
CA ASN A 324 -5.61 10.64 -7.83
C ASN A 324 -6.28 11.47 -8.94
N GLY A 325 -7.60 11.60 -8.84
CA GLY A 325 -8.31 12.54 -9.67
C GLY A 325 -8.09 13.97 -9.21
N SER A 326 -8.30 14.91 -10.13
CA SER A 326 -8.14 16.32 -9.80
C SER A 326 -9.27 16.80 -8.91
N THR A 327 -10.49 16.36 -9.18
CA THR A 327 -11.67 16.79 -8.44
C THR A 327 -12.02 15.78 -7.35
N LEU A 328 -12.78 16.25 -6.36
CA LEU A 328 -13.25 15.38 -5.29
C LEU A 328 -14.12 14.26 -5.86
N MET A 329 -15.02 14.59 -6.78
CA MET A 329 -15.96 13.59 -7.31
C MET A 329 -15.23 12.46 -8.02
N GLU A 330 -14.40 12.80 -9.01
CA GLU A 330 -13.62 11.79 -9.72
C GLU A 330 -12.74 10.99 -8.77
N ARG A 331 -12.26 11.63 -7.70
CA ARG A 331 -11.42 10.93 -6.74
C ARG A 331 -12.27 10.04 -5.83
N LEU A 332 -13.48 10.48 -5.50
CA LEU A 332 -14.32 9.74 -4.57
C LEU A 332 -14.87 8.47 -5.21
N LEU A 333 -15.55 8.60 -6.36
CA LEU A 333 -16.23 7.47 -6.97
C LEU A 333 -15.29 6.28 -7.16
N GLU A 334 -14.17 6.51 -7.85
CA GLU A 334 -13.22 5.42 -8.08
C GLU A 334 -12.61 4.93 -6.77
N SER A 335 -12.54 5.79 -5.76
CA SER A 335 -11.95 5.37 -4.48
C SER A 335 -12.80 4.30 -3.80
N LEU A 336 -14.11 4.55 -3.68
CA LEU A 336 -14.96 3.59 -2.99
C LEU A 336 -15.17 2.32 -3.81
N TYR A 337 -15.04 2.38 -5.13
CA TYR A 337 -15.04 1.15 -5.93
C TYR A 337 -13.96 0.20 -5.44
N THR A 338 -12.76 0.73 -5.21
CA THR A 338 -11.63 -0.11 -4.83
C THR A 338 -11.76 -0.61 -3.39
N TYR A 339 -12.12 0.28 -2.47
CA TYR A 339 -12.17 -0.10 -1.06
C TYR A 339 -13.38 -0.98 -0.77
N ALA A 340 -14.44 -0.88 -1.58
CA ALA A 340 -15.53 -1.84 -1.48
C ALA A 340 -15.02 -3.25 -1.71
N ALA A 341 -14.10 -3.43 -2.65
CA ALA A 341 -13.54 -4.76 -2.91
C ALA A 341 -12.72 -5.25 -1.73
N LEU A 342 -11.93 -4.37 -1.12
CA LEU A 342 -11.11 -4.79 0.02
C LEU A 342 -11.98 -5.17 1.21
N PHE A 343 -13.05 -4.41 1.46
CA PHE A 343 -13.95 -4.74 2.57
C PHE A 343 -14.71 -6.03 2.32
N ASP A 344 -14.90 -6.42 1.06
CA ASP A 344 -15.58 -7.68 0.76
C ASP A 344 -14.77 -8.87 1.27
N CYS A 345 -13.45 -8.85 1.04
CA CYS A 345 -12.58 -9.91 1.55
C CYS A 345 -12.78 -10.11 3.04
N LEU A 346 -12.88 -9.00 3.78
CA LEU A 346 -12.99 -9.08 5.23
C LEU A 346 -14.34 -9.65 5.66
N GLU A 347 -15.43 -9.26 4.99
CA GLU A 347 -16.72 -9.84 5.38
C GLU A 347 -16.82 -11.31 4.97
N THR A 348 -16.23 -11.67 3.82
CA THR A 348 -16.36 -13.04 3.34
C THR A 348 -15.76 -14.06 4.31
N LYS A 349 -14.70 -13.68 5.02
CA LYS A 349 -13.93 -14.65 5.79
C LYS A 349 -13.66 -14.28 7.24
N VAL A 350 -14.06 -13.10 7.70
CA VAL A 350 -13.80 -12.70 9.08
C VAL A 350 -15.11 -12.44 9.81
N PRO A 351 -15.26 -12.90 11.06
CA PRO A 351 -16.44 -12.53 11.84
C PRO A 351 -16.58 -11.02 11.94
N ARG A 352 -17.83 -10.55 11.97
CA ARG A 352 -18.09 -9.12 11.96
C ARG A 352 -17.65 -8.46 13.26
N THR A 353 -17.67 -9.20 14.37
CA THR A 353 -17.36 -8.65 15.68
C THR A 353 -15.88 -8.67 16.02
N SER A 354 -15.04 -9.29 15.19
CA SER A 354 -13.63 -9.41 15.52
C SER A 354 -12.96 -8.05 15.57
N GLN A 355 -12.14 -7.83 16.60
CA GLN A 355 -11.40 -6.58 16.71
C GLN A 355 -10.36 -6.46 15.61
N ASP A 356 -9.80 -7.60 15.18
CA ASP A 356 -8.76 -7.57 14.15
C ASP A 356 -9.29 -6.97 12.86
N ARG A 357 -10.49 -7.39 12.44
CA ARG A 357 -11.13 -6.78 11.27
C ARG A 357 -11.30 -5.28 11.49
N ILE A 358 -11.85 -4.89 12.64
CA ILE A 358 -12.08 -3.48 12.93
C ILE A 358 -10.78 -2.69 12.99
N LYS A 359 -9.70 -3.33 13.45
CA LYS A 359 -8.44 -2.59 13.60
C LYS A 359 -7.77 -2.32 12.26
N VAL A 360 -8.00 -3.15 11.25
CA VAL A 360 -7.41 -2.87 9.95
C VAL A 360 -8.24 -1.85 9.18
N GLU A 361 -9.56 -2.00 9.19
CA GLU A 361 -10.41 -1.06 8.46
C GLU A 361 -10.25 0.36 8.99
N LYS A 362 -10.45 0.56 10.29
CA LYS A 362 -10.42 1.90 10.84
C LYS A 362 -9.01 2.47 10.83
N MET A 363 -8.01 1.66 11.17
CA MET A 363 -6.66 2.16 11.37
C MET A 363 -5.80 2.14 10.10
N LEU A 364 -6.09 1.26 9.14
CA LEU A 364 -5.30 1.18 7.91
C LEU A 364 -6.12 1.66 6.72
N PHE A 365 -7.14 0.93 6.29
CA PHE A 365 -7.94 1.36 5.15
C PHE A 365 -8.61 2.70 5.42
N GLY A 366 -9.17 2.88 6.62
CA GLY A 366 -9.88 4.11 6.91
C GLY A 366 -8.98 5.33 6.97
N GLU A 367 -7.73 5.16 7.38
CA GLU A 367 -6.78 6.27 7.34
C GLU A 367 -6.50 6.70 5.91
N GLU A 368 -6.29 5.72 5.02
CA GLU A 368 -6.10 6.03 3.61
C GLU A 368 -7.25 6.89 3.07
N ILE A 369 -8.49 6.43 3.29
CA ILE A 369 -9.67 7.12 2.78
C ILE A 369 -9.70 8.57 3.25
N LYS A 370 -9.36 8.81 4.51
CA LYS A 370 -9.32 10.17 5.02
C LYS A 370 -8.33 11.03 4.23
N ASN A 371 -7.16 10.47 3.91
CA ASN A 371 -6.17 11.22 3.14
C ASN A 371 -6.66 11.49 1.72
N ILE A 372 -7.33 10.50 1.11
CA ILE A 372 -7.79 10.68 -0.28
C ILE A 372 -8.88 11.74 -0.37
N ILE A 373 -9.71 11.86 0.65
CA ILE A 373 -10.90 12.71 0.60
C ILE A 373 -10.70 14.01 1.39
N SER A 374 -10.38 13.91 2.69
CA SER A 374 -10.33 15.11 3.52
C SER A 374 -9.12 15.98 3.19
N CYS A 375 -8.00 15.37 2.80
CA CYS A 375 -6.77 16.11 2.57
C CYS A 375 -6.62 16.46 1.09
N GLU A 376 -5.86 17.53 0.84
CA GLU A 376 -5.60 18.02 -0.51
C GLU A 376 -4.22 18.65 -0.53
N GLY A 377 -3.59 18.65 -1.70
CA GLY A 377 -2.29 19.26 -1.84
C GLY A 377 -1.15 18.38 -1.37
N PHE A 378 -0.13 19.01 -0.77
CA PHE A 378 1.06 18.28 -0.36
C PHE A 378 0.78 17.34 0.80
N GLU A 379 -0.21 17.66 1.64
CA GLU A 379 -0.56 16.83 2.78
C GLU A 379 -1.39 15.61 2.40
N ARG A 380 -1.77 15.47 1.14
CA ARG A 380 -2.46 14.30 0.63
C ARG A 380 -1.44 13.42 -0.08
N ARG A 381 -1.15 12.25 0.48
CA ARG A 381 -0.05 11.44 0.00
C ARG A 381 -0.43 10.10 -0.58
N GLU A 382 -1.71 9.72 -0.58
CA GLU A 382 -2.08 8.43 -1.12
C GLU A 382 -1.80 8.39 -2.61
N ARG A 383 -2.58 9.13 -3.41
CA ARG A 383 -2.23 9.44 -4.79
C ARG A 383 -1.98 8.18 -5.63
N HIS A 384 -2.63 7.08 -5.28
CA HIS A 384 -2.44 5.85 -6.03
C HIS A 384 -2.84 6.05 -7.48
N GLU A 385 -2.13 5.38 -8.38
CA GLU A 385 -2.42 5.44 -9.81
C GLU A 385 -2.30 4.06 -10.40
N LYS A 386 -2.85 3.91 -11.61
CA LYS A 386 -2.88 2.61 -12.25
C LYS A 386 -1.49 2.20 -12.74
N LEU A 387 -1.36 0.91 -13.06
CA LEU A 387 -0.08 0.33 -13.48
C LEU A 387 0.45 1.01 -14.73
N GLU A 388 -0.44 1.39 -15.66
CA GLU A 388 0.01 1.99 -16.90
C GLU A 388 0.80 3.28 -16.65
N LYS A 389 0.24 4.17 -15.83
CA LYS A 389 0.91 5.45 -15.57
C LYS A 389 2.23 5.24 -14.86
N TRP A 390 2.34 4.20 -14.04
CA TRP A 390 3.62 3.90 -13.41
C TRP A 390 4.62 3.35 -14.42
N SER A 391 4.15 2.53 -15.36
CA SER A 391 5.05 1.97 -16.37
C SER A 391 5.70 3.08 -17.20
N GLN A 392 4.89 4.02 -17.70
CA GLN A 392 5.45 5.14 -18.46
C GLN A 392 6.42 5.95 -17.61
N ARG A 393 5.99 6.34 -16.41
CA ARG A 393 6.84 7.16 -15.55
C ARG A 393 8.18 6.51 -15.29
N ILE A 394 8.17 5.22 -14.93
CA ILE A 394 9.42 4.49 -14.70
C ILE A 394 10.23 4.41 -15.98
N ASP A 395 9.57 4.18 -17.11
CA ASP A 395 10.26 4.11 -18.40
C ASP A 395 10.98 5.42 -18.70
N LEU A 396 10.33 6.55 -18.43
CA LEU A 396 10.92 7.85 -18.73
C LEU A 396 12.23 8.08 -18.00
N ALA A 397 12.44 7.42 -16.86
CA ALA A 397 13.68 7.56 -16.12
C ALA A 397 14.79 6.65 -16.65
N GLY A 398 14.59 6.03 -17.80
CA GLY A 398 15.60 5.12 -18.33
C GLY A 398 15.65 3.81 -17.57
N PHE A 399 14.50 3.19 -17.39
CA PHE A 399 14.40 1.88 -16.75
C PHE A 399 13.83 0.88 -17.73
N GLY A 400 14.44 -0.29 -17.81
CA GLY A 400 13.97 -1.37 -18.66
C GLY A 400 13.12 -2.34 -17.87
N ASN A 401 12.05 -2.82 -18.50
CA ASN A 401 11.20 -3.81 -17.86
C ASN A 401 11.87 -5.17 -17.83
N VAL A 402 11.73 -5.86 -16.70
CA VAL A 402 12.11 -7.27 -16.60
C VAL A 402 10.83 -8.07 -16.42
N PRO A 403 10.41 -8.84 -17.42
CA PRO A 403 9.24 -9.70 -17.27
C PRO A 403 9.42 -10.65 -16.09
N LEU A 404 8.41 -10.70 -15.23
CA LEU A 404 8.43 -11.64 -14.13
C LEU A 404 8.29 -13.07 -14.67
N SER A 405 8.95 -14.00 -13.99
CA SER A 405 9.06 -15.36 -14.52
C SER A 405 7.73 -16.11 -14.39
N TYR A 406 7.56 -17.08 -15.28
CA TYR A 406 6.34 -17.89 -15.27
C TYR A 406 6.19 -18.68 -13.99
N TYR A 407 7.29 -19.10 -13.38
CA TYR A 407 7.22 -19.96 -12.21
C TYR A 407 7.20 -19.19 -10.91
N ALA A 408 7.58 -17.91 -10.91
CA ALA A 408 7.30 -17.07 -9.75
C ALA A 408 5.82 -16.72 -9.70
N MET A 409 5.19 -16.55 -10.86
CA MET A 409 3.77 -16.23 -10.91
C MET A 409 2.91 -17.42 -10.57
N LEU A 410 3.35 -18.63 -10.92
CA LEU A 410 2.65 -19.85 -10.53
C LEU A 410 2.56 -19.96 -9.02
N GLN A 411 3.65 -19.61 -8.32
CA GLN A 411 3.67 -19.72 -6.87
C GLN A 411 2.72 -18.73 -6.21
N ALA A 412 2.63 -17.51 -6.76
CA ALA A 412 1.68 -16.54 -6.23
C ALA A 412 0.25 -17.04 -6.39
N ARG A 413 -0.06 -17.63 -7.55
CA ARG A 413 -1.35 -18.28 -7.72
C ARG A 413 -1.52 -19.45 -6.76
N ARG A 414 -0.40 -20.07 -6.36
CA ARG A 414 -0.46 -21.15 -5.39
C ARG A 414 -0.69 -20.62 -3.97
N LEU A 415 -0.06 -19.50 -3.62
CA LEU A 415 -0.39 -18.85 -2.34
C LEU A 415 -1.87 -18.51 -2.28
N LEU A 416 -2.44 -18.02 -3.37
CA LEU A 416 -3.82 -17.56 -3.34
C LEU A 416 -4.82 -18.69 -3.39
N GLN A 417 -4.38 -19.92 -3.66
CA GLN A 417 -5.29 -21.05 -3.60
C GLN A 417 -5.55 -21.47 -2.15
N GLY A 418 -4.50 -21.54 -1.34
CA GLY A 418 -4.61 -21.98 0.04
C GLY A 418 -4.69 -20.82 1.03
N CYS A 419 -4.78 -21.20 2.30
CA CYS A 419 -4.85 -20.26 3.42
C CYS A 419 -6.05 -19.31 3.26
N GLY A 420 -7.22 -19.91 3.14
CA GLY A 420 -8.38 -19.14 2.75
C GLY A 420 -8.11 -18.49 1.41
N PHE A 421 -8.04 -17.16 1.40
CA PHE A 421 -7.70 -16.40 0.19
C PHE A 421 -8.53 -16.82 -1.01
N ASP A 422 -9.77 -17.24 -0.75
CA ASP A 422 -10.69 -17.56 -1.84
C ASP A 422 -11.14 -16.28 -2.53
N GLY A 423 -11.15 -16.32 -3.86
CA GLY A 423 -11.61 -15.20 -4.66
C GLY A 423 -10.50 -14.31 -5.21
N TYR A 424 -9.35 -14.27 -4.57
CA TYR A 424 -8.21 -13.55 -5.13
C TYR A 424 -7.75 -14.23 -6.40
N ARG A 425 -7.38 -13.41 -7.38
CA ARG A 425 -6.76 -13.89 -8.61
C ARG A 425 -5.73 -12.87 -9.05
N ILE A 426 -4.68 -13.35 -9.73
CA ILE A 426 -3.64 -12.50 -10.26
C ILE A 426 -3.55 -12.67 -11.77
N LYS A 427 -3.31 -11.56 -12.45
CA LYS A 427 -3.17 -11.50 -13.89
C LYS A 427 -1.84 -10.85 -14.21
N GLU A 428 -1.47 -10.87 -15.48
CA GLU A 428 -0.24 -10.25 -15.95
C GLU A 428 -0.58 -9.09 -16.88
N GLU A 429 -0.12 -7.88 -16.50
CA GLU A 429 -0.12 -6.73 -17.40
C GLU A 429 1.32 -6.50 -17.86
N SER A 430 1.67 -7.12 -19.00
CA SER A 430 2.88 -6.79 -19.75
C SER A 430 4.15 -7.09 -18.96
N GLY A 431 4.24 -8.29 -18.42
CA GLY A 431 5.38 -8.67 -17.61
C GLY A 431 5.36 -8.13 -16.20
N CYS A 432 4.24 -7.57 -15.76
CA CYS A 432 4.05 -7.11 -14.40
C CYS A 432 2.84 -7.81 -13.81
N ALA A 433 2.87 -8.06 -12.51
CA ALA A 433 1.81 -8.82 -11.84
C ALA A 433 0.75 -7.86 -11.30
N VAL A 434 -0.51 -8.20 -11.53
CA VAL A 434 -1.65 -7.45 -11.01
C VAL A 434 -2.46 -8.38 -10.12
N ILE A 435 -2.63 -8.00 -8.86
CA ILE A 435 -3.46 -8.74 -7.91
C ILE A 435 -4.83 -8.09 -7.88
N CYS A 436 -5.87 -8.90 -8.08
CA CYS A 436 -7.24 -8.40 -8.13
C CYS A 436 -8.15 -9.29 -7.28
N TRP A 437 -9.31 -8.73 -6.93
CA TRP A 437 -10.31 -9.40 -6.13
C TRP A 437 -11.62 -9.39 -6.89
N GLN A 438 -12.02 -10.56 -7.40
CA GLN A 438 -13.22 -10.69 -8.21
C GLN A 438 -13.21 -9.70 -9.36
N ASP A 439 -12.09 -9.70 -10.09
CA ASP A 439 -11.88 -8.92 -11.32
C ASP A 439 -11.78 -7.42 -11.06
N ARG A 440 -11.55 -7.00 -9.82
CA ARG A 440 -11.23 -5.61 -9.53
C ARG A 440 -9.75 -5.50 -9.16
N PRO A 441 -8.93 -4.87 -10.00
CA PRO A 441 -7.49 -4.79 -9.71
C PRO A 441 -7.21 -3.91 -8.49
N LEU A 442 -6.30 -4.39 -7.66
CA LEU A 442 -5.97 -3.72 -6.40
C LEU A 442 -4.51 -3.31 -6.33
N TYR A 443 -3.58 -4.25 -6.49
CA TYR A 443 -2.16 -3.97 -6.30
C TYR A 443 -1.37 -4.53 -7.47
N SER A 444 -0.26 -3.88 -7.79
CA SER A 444 0.59 -4.26 -8.92
C SER A 444 2.04 -4.36 -8.48
N VAL A 445 2.70 -5.42 -8.93
CA VAL A 445 4.13 -5.63 -8.72
C VAL A 445 4.80 -5.70 -10.07
N SER A 446 5.87 -4.93 -10.26
CA SER A 446 6.61 -4.91 -11.52
C SER A 446 8.10 -4.95 -11.24
N ALA A 447 8.83 -5.64 -12.11
CA ALA A 447 10.29 -5.73 -12.01
C ALA A 447 10.92 -4.89 -13.11
N TRP A 448 11.97 -4.15 -12.75
CA TRP A 448 12.58 -3.17 -13.65
C TRP A 448 14.09 -3.31 -13.64
N ARG A 449 14.67 -3.33 -14.84
CA ARG A 449 16.12 -3.36 -15.04
C ARG A 449 16.62 -1.97 -15.40
N CYS A 450 17.83 -1.66 -14.95
CA CYS A 450 18.41 -0.33 -15.18
C CYS A 450 18.93 -0.24 -16.62
N ARG A 451 18.26 0.58 -17.42
CA ARG A 451 18.65 0.77 -18.80
C ARG A 451 19.98 1.52 -18.90
N LYS A 452 20.69 1.27 -20.01
CA LYS A 452 21.96 1.92 -20.33
C LYS A 452 22.97 1.85 -19.17
N SER B 6 -20.79 -13.46 -1.03
CA SER B 6 -22.02 -12.86 -0.53
C SER B 6 -22.68 -12.00 -1.59
N MET B 7 -23.87 -11.48 -1.29
CA MET B 7 -24.47 -10.46 -2.14
C MET B 7 -23.56 -9.25 -2.11
N SER B 8 -22.76 -9.10 -3.16
CA SER B 8 -21.57 -8.25 -3.10
C SER B 8 -21.92 -6.81 -2.78
N ALA B 9 -21.20 -6.24 -1.82
CA ALA B 9 -21.20 -4.79 -1.68
C ALA B 9 -20.58 -4.14 -2.90
N THR B 10 -19.60 -4.81 -3.53
CA THR B 10 -19.12 -4.37 -4.83
C THR B 10 -20.24 -4.33 -5.86
N ALA B 11 -21.24 -5.21 -5.73
CA ALA B 11 -22.35 -5.21 -6.68
C ALA B 11 -23.34 -4.10 -6.38
N LEU B 12 -23.38 -3.63 -5.13
CA LEU B 12 -24.35 -2.61 -4.75
C LEU B 12 -24.11 -1.32 -5.52
N LEU B 13 -22.85 -0.88 -5.60
CA LEU B 13 -22.50 0.25 -6.45
C LEU B 13 -22.71 -0.03 -7.93
N GLN B 14 -22.56 -1.29 -8.34
CA GLN B 14 -22.73 -1.63 -9.75
C GLN B 14 -24.13 -1.29 -10.22
N LYS B 15 -25.16 -1.71 -9.47
CA LYS B 15 -26.53 -1.43 -9.86
C LYS B 15 -26.89 0.04 -9.69
N ALA B 16 -26.29 0.72 -8.70
CA ALA B 16 -26.59 2.13 -8.47
C ALA B 16 -25.92 3.04 -9.47
N ALA B 17 -24.75 2.65 -9.98
CA ALA B 17 -24.10 3.44 -11.01
C ALA B 17 -24.84 3.35 -12.34
N GLN B 18 -25.53 2.26 -12.61
CA GLN B 18 -26.30 2.22 -13.84
C GLN B 18 -27.44 3.23 -13.82
N MET B 19 -28.22 3.26 -12.75
CA MET B 19 -29.32 4.21 -12.59
C MET B 19 -29.02 5.61 -13.13
#